data_4NR2
#
_entry.id   4NR2
#
_cell.length_a   55.260
_cell.length_b   63.750
_cell.length_c   144.740
_cell.angle_alpha   90.00
_cell.angle_beta   90.00
_cell.angle_gamma   90.00
#
_symmetry.space_group_name_H-M   'P 21 21 21'
#
loop_
_entity.id
_entity.type
_entity.pdbx_description
1 polymer 'Serine/threonine-protein kinase 4'
2 non-polymer 1,2-ETHANEDIOL
3 water water
#
_entity_poly.entity_id   1
_entity_poly.type   'polypeptide(L)'
_entity_poly.pdbx_seq_one_letter_code
;SMDYEFLKSWTVEDLQKRLLALDPMMEQEIEEIRQKYQSKRQPILDAIEAK
;
_entity_poly.pdbx_strand_id   A,B,C,D,E,F,G,H
#
loop_
_chem_comp.id
_chem_comp.type
_chem_comp.name
_chem_comp.formula
EDO non-polymer 1,2-ETHANEDIOL 'C2 H6 O2'
#
# COMPACT_ATOMS: atom_id res chain seq x y z
N SER A 1 -3.33 4.38 -4.84
CA SER A 1 -2.80 3.47 -5.89
C SER A 1 -1.26 3.43 -5.84
N MET A 2 -0.72 2.41 -6.44
CA MET A 2 0.73 2.21 -6.44
C MET A 2 1.46 3.00 -7.50
N ASP A 3 2.79 3.04 -7.39
CA ASP A 3 3.56 3.84 -8.33
C ASP A 3 3.84 3.06 -9.59
N TYR A 4 3.39 3.58 -10.72
CA TYR A 4 3.67 2.97 -12.04
C TYR A 4 5.20 2.66 -12.23
N GLU A 5 6.04 3.56 -11.77
CA GLU A 5 7.48 3.40 -11.92
C GLU A 5 8.02 2.20 -11.14
N PHE A 6 7.38 1.84 -10.04
CA PHE A 6 7.67 0.62 -9.33
C PHE A 6 7.11 -0.60 -10.09
N LEU A 7 5.85 -0.51 -10.52
CA LEU A 7 5.11 -1.66 -11.06
C LEU A 7 5.69 -2.09 -12.38
N LYS A 8 6.28 -1.14 -13.07
CA LYS A 8 6.77 -1.35 -14.39
C LYS A 8 7.90 -2.38 -14.47
N SER A 9 8.62 -2.61 -13.37
CA SER A 9 9.66 -3.63 -13.31
C SER A 9 9.14 -5.06 -12.92
N TRP A 10 7.86 -5.19 -12.55
CA TRP A 10 7.32 -6.49 -12.21
C TRP A 10 7.07 -7.33 -13.44
N THR A 11 7.00 -8.63 -13.28
CA THR A 11 6.58 -9.52 -14.39
C THR A 11 5.07 -9.38 -14.66
N VAL A 12 4.66 -9.72 -15.88
CA VAL A 12 3.26 -9.71 -16.24
C VAL A 12 2.50 -10.63 -15.29
N GLU A 13 3.06 -11.78 -14.97
CA GLU A 13 2.39 -12.71 -14.09
C GLU A 13 2.10 -12.11 -12.73
N ASP A 14 3.09 -11.40 -12.17
CA ASP A 14 2.92 -10.74 -10.88
C ASP A 14 1.93 -9.57 -10.90
N LEU A 15 1.96 -8.80 -11.96
CA LEU A 15 1.01 -7.67 -12.13
C LEU A 15 -0.42 -8.21 -12.22
N GLN A 16 -0.60 -9.28 -13.00
CA GLN A 16 -1.93 -9.89 -13.16
C GLN A 16 -2.44 -10.45 -11.86
N LYS A 17 -1.53 -11.03 -11.09
CA LYS A 17 -1.89 -11.59 -9.84
C LYS A 17 -2.40 -10.53 -8.89
N ARG A 18 -1.77 -9.38 -8.92
CA ARG A 18 -2.23 -8.26 -8.06
C ARG A 18 -3.63 -7.80 -8.49
N LEU A 19 -3.87 -7.69 -9.80
CA LEU A 19 -5.17 -7.31 -10.29
C LEU A 19 -6.22 -8.30 -9.88
N LEU A 20 -5.87 -9.58 -9.94
CA LEU A 20 -6.81 -10.61 -9.57
C LEU A 20 -7.11 -10.60 -8.11
N ALA A 21 -6.13 -10.24 -7.28
CA ALA A 21 -6.38 -10.12 -5.85
C ALA A 21 -7.33 -8.97 -5.49
N LEU A 22 -7.36 -7.94 -6.30
CA LEU A 22 -8.25 -6.80 -6.05
C LEU A 22 -9.75 -7.14 -6.30
N ASP A 23 -10.02 -8.09 -7.20
CA ASP A 23 -11.43 -8.44 -7.54
C ASP A 23 -12.26 -8.87 -6.33
N PRO A 24 -11.80 -9.86 -5.53
CA PRO A 24 -12.65 -10.24 -4.41
C PRO A 24 -12.68 -9.20 -3.33
N MET A 25 -11.65 -8.40 -3.22
CA MET A 25 -11.67 -7.25 -2.29
C MET A 25 -12.77 -6.24 -2.63
N MET A 26 -12.85 -5.81 -3.89
CA MET A 26 -13.94 -4.91 -4.29
C MET A 26 -15.35 -5.53 -4.10
N GLU A 27 -15.51 -6.79 -4.50
CA GLU A 27 -16.79 -7.49 -4.31
C GLU A 27 -17.21 -7.55 -2.84
N GLN A 28 -16.26 -7.83 -1.97
CA GLN A 28 -16.55 -7.89 -0.53
C GLN A 28 -17.04 -6.54 -0.04
N GLU A 29 -16.42 -5.46 -0.48
CA GLU A 29 -16.83 -4.13 -0.02
C GLU A 29 -18.28 -3.80 -0.49
N ILE A 30 -18.58 -4.17 -1.71
CA ILE A 30 -19.92 -3.97 -2.26
C ILE A 30 -20.98 -4.77 -1.52
N GLU A 31 -20.66 -6.02 -1.24
CA GLU A 31 -21.54 -6.82 -0.38
C GLU A 31 -21.76 -6.25 1.01
N GLU A 32 -20.73 -5.69 1.61
CA GLU A 32 -20.91 -5.05 2.90
C GLU A 32 -21.79 -3.85 2.81
N ILE A 33 -21.73 -3.13 1.70
CA ILE A 33 -22.61 -1.97 1.53
C ILE A 33 -24.07 -2.44 1.42
N ARG A 34 -24.29 -3.49 0.68
CA ARG A 34 -25.65 -4.06 0.60
C ARG A 34 -26.19 -4.47 2.02
N GLN A 35 -25.34 -5.04 2.85
CA GLN A 35 -25.73 -5.43 4.22
C GLN A 35 -25.97 -4.22 5.12
N LYS A 36 -25.18 -3.19 4.94
CA LYS A 36 -25.38 -1.95 5.69
C LYS A 36 -26.79 -1.36 5.39
N TYR A 37 -27.19 -1.37 4.13
CA TYR A 37 -28.48 -0.82 3.75
C TYR A 37 -29.64 -1.71 4.14
N GLN A 38 -29.41 -3.02 4.18
CA GLN A 38 -30.41 -3.89 4.72
C GLN A 38 -30.70 -3.55 6.19
N SER A 39 -29.68 -3.26 6.98
CA SER A 39 -29.92 -2.81 8.36
C SER A 39 -30.61 -1.46 8.47
N LYS A 40 -30.28 -0.53 7.59
CA LYS A 40 -30.95 0.77 7.57
C LYS A 40 -32.46 0.64 7.23
N ARG A 41 -32.79 -0.26 6.30
CA ARG A 41 -34.17 -0.43 5.89
C ARG A 41 -35.04 -0.95 7.04
N GLN A 42 -34.46 -1.78 7.89
CA GLN A 42 -35.25 -2.56 8.82
CA GLN A 42 -35.21 -2.54 8.88
C GLN A 42 -36.20 -1.76 9.76
N PRO A 43 -35.68 -0.75 10.49
CA PRO A 43 -36.57 0.03 11.33
C PRO A 43 -37.64 0.80 10.57
N ILE A 44 -37.34 1.18 9.33
CA ILE A 44 -38.34 1.82 8.48
C ILE A 44 -39.45 0.83 8.09
N LEU A 45 -39.05 -0.38 7.67
CA LEU A 45 -40.03 -1.41 7.34
C LEU A 45 -40.86 -1.77 8.58
N ASP A 46 -40.20 -1.86 9.74
CA ASP A 46 -40.91 -2.18 11.00
C ASP A 46 -41.97 -1.11 11.35
N ALA A 47 -41.61 0.15 11.13
CA ALA A 47 -42.54 1.24 11.34
C ALA A 47 -43.74 1.16 10.38
N ILE A 48 -43.51 0.79 9.13
CA ILE A 48 -44.59 0.63 8.17
C ILE A 48 -45.49 -0.51 8.62
N GLU A 49 -44.88 -1.66 8.89
CA GLU A 49 -45.60 -2.86 9.38
C GLU A 49 -46.51 -2.58 10.58
N ALA A 50 -46.06 -1.70 11.46
CA ALA A 50 -46.77 -1.42 12.71
C ALA A 50 -48.03 -0.56 12.49
N LYS A 51 -48.41 -0.39 11.23
CA LYS A 51 -49.82 -0.15 10.86
C LYS A 51 -50.23 -1.07 9.70
N GLU B 5 -35.80 10.07 17.01
CA GLU B 5 -36.74 10.38 15.89
C GLU B 5 -37.59 9.15 15.47
N PHE B 6 -38.59 8.81 16.30
CA PHE B 6 -39.46 7.64 16.05
C PHE B 6 -40.45 7.83 14.85
N LEU B 7 -40.60 6.72 14.14
CA LEU B 7 -41.21 6.55 12.78
C LEU B 7 -42.67 6.07 12.76
N LYS B 8 -43.10 5.49 13.86
CA LYS B 8 -44.42 4.86 13.95
C LYS B 8 -45.57 5.86 13.70
N SER B 9 -45.33 7.15 13.95
CA SER B 9 -46.35 8.21 13.72
C SER B 9 -46.35 8.78 12.30
N TRP B 10 -45.38 8.40 11.47
CA TRP B 10 -45.34 8.89 10.09
C TRP B 10 -46.39 8.21 9.23
N THR B 11 -46.78 8.88 8.15
CA THR B 11 -47.66 8.24 7.15
C THR B 11 -46.89 7.18 6.36
N VAL B 12 -47.63 6.23 5.81
CA VAL B 12 -47.05 5.22 4.94
C VAL B 12 -46.32 5.89 3.77
N GLU B 13 -46.90 6.94 3.22
CA GLU B 13 -46.26 7.66 2.09
CA GLU B 13 -46.31 7.66 2.08
C GLU B 13 -44.92 8.19 2.47
N ASP B 14 -44.81 8.78 3.67
CA ASP B 14 -43.55 9.32 4.14
C ASP B 14 -42.51 8.22 4.46
N LEU B 15 -42.98 7.13 5.03
CA LEU B 15 -42.10 5.99 5.34
C LEU B 15 -41.53 5.37 4.05
N GLN B 16 -42.39 5.22 3.05
CA GLN B 16 -41.97 4.69 1.76
C GLN B 16 -40.98 5.62 1.09
N LYS B 17 -41.22 6.91 1.23
CA LYS B 17 -40.31 7.89 0.68
C LYS B 17 -38.90 7.81 1.31
N ARG B 18 -38.83 7.61 2.60
CA ARG B 18 -37.55 7.40 3.28
C ARG B 18 -36.82 6.12 2.81
N LEU B 19 -37.56 5.02 2.63
CA LEU B 19 -36.99 3.80 2.03
C LEU B 19 -36.46 4.06 0.65
N LEU B 20 -37.23 4.73 -0.15
CA LEU B 20 -36.80 5.04 -1.51
C LEU B 20 -35.54 5.92 -1.48
N ALA B 21 -35.44 6.83 -0.52
CA ALA B 21 -34.28 7.78 -0.47
C ALA B 21 -32.97 7.00 -0.21
N LEU B 22 -33.07 5.85 0.42
CA LEU B 22 -31.92 4.98 0.60
C LEU B 22 -31.30 4.44 -0.70
N ASP B 23 -32.12 4.24 -1.74
CA ASP B 23 -31.64 3.64 -3.02
C ASP B 23 -30.51 4.44 -3.69
N PRO B 24 -30.67 5.78 -3.90
CA PRO B 24 -29.57 6.48 -4.49
C PRO B 24 -28.36 6.63 -3.57
N MET B 25 -28.57 6.60 -2.26
CA MET B 25 -27.46 6.64 -1.33
C MET B 25 -26.59 5.41 -1.47
N MET B 26 -27.23 4.24 -1.51
CA MET B 26 -26.47 3.04 -1.65
C MET B 26 -25.71 3.03 -2.98
N GLU B 27 -26.38 3.41 -4.04
CA GLU B 27 -25.73 3.48 -5.38
CA GLU B 27 -25.75 3.44 -5.37
C GLU B 27 -24.53 4.36 -5.40
N GLN B 28 -24.62 5.51 -4.75
CA GLN B 28 -23.50 6.41 -4.64
C GLN B 28 -22.28 5.74 -3.92
N GLU B 29 -22.54 5.01 -2.84
CA GLU B 29 -21.45 4.35 -2.13
C GLU B 29 -20.79 3.27 -2.99
N ILE B 30 -21.60 2.51 -3.69
CA ILE B 30 -21.09 1.48 -4.60
C ILE B 30 -20.25 2.10 -5.70
N GLU B 31 -20.73 3.21 -6.26
CA GLU B 31 -19.96 3.91 -7.22
C GLU B 31 -18.62 4.43 -6.69
N GLU B 32 -18.57 4.93 -5.44
CA GLU B 32 -17.32 5.32 -4.87
C GLU B 32 -16.34 4.16 -4.72
N ILE B 33 -16.83 2.98 -4.36
CA ILE B 33 -15.98 1.81 -4.33
C ILE B 33 -15.46 1.47 -5.74
N ARG B 34 -16.33 1.50 -6.76
CA ARG B 34 -15.88 1.19 -8.13
CA ARG B 34 -15.87 1.19 -8.13
C ARG B 34 -14.78 2.16 -8.58
N GLN B 35 -14.92 3.43 -8.23
CA GLN B 35 -13.94 4.43 -8.61
C GLN B 35 -12.61 4.19 -7.89
N LYS B 36 -12.67 3.82 -6.60
CA LYS B 36 -11.46 3.57 -5.85
C LYS B 36 -10.67 2.45 -6.52
N TYR B 37 -11.36 1.38 -6.87
CA TYR B 37 -10.67 0.24 -7.47
C TYR B 37 -10.23 0.53 -8.93
N GLN B 38 -10.97 1.37 -9.64
CA GLN B 38 -10.52 1.79 -10.96
C GLN B 38 -9.19 2.54 -10.87
N SER B 39 -9.03 3.42 -9.89
CA SER B 39 -7.76 4.06 -9.69
C SER B 39 -6.64 3.14 -9.32
N LYS B 40 -6.92 2.15 -8.47
CA LYS B 40 -5.90 1.20 -8.14
C LYS B 40 -5.45 0.41 -9.35
N ARG B 41 -6.40 -0.05 -10.14
CA ARG B 41 -6.10 -0.90 -11.31
C ARG B 41 -5.25 -0.21 -12.35
N GLN B 42 -5.50 1.08 -12.53
CA GLN B 42 -4.95 1.78 -13.67
C GLN B 42 -3.39 1.67 -13.87
N PRO B 43 -2.58 1.97 -12.84
CA PRO B 43 -1.15 1.84 -13.05
C PRO B 43 -0.69 0.43 -13.30
N ILE B 44 -1.42 -0.55 -12.77
CA ILE B 44 -1.09 -1.92 -12.97
C ILE B 44 -1.37 -2.29 -14.47
N LEU B 45 -2.53 -1.88 -14.99
CA LEU B 45 -2.86 -2.10 -16.41
C LEU B 45 -1.86 -1.37 -17.29
N ASP B 46 -1.50 -0.14 -16.94
CA ASP B 46 -0.54 0.61 -17.74
C ASP B 46 0.82 -0.14 -17.75
N ALA B 47 1.23 -0.71 -16.62
CA ALA B 47 2.50 -1.42 -16.55
C ALA B 47 2.48 -2.69 -17.41
N ILE B 48 1.37 -3.39 -17.42
CA ILE B 48 1.20 -4.58 -18.27
C ILE B 48 1.29 -4.14 -19.75
N GLU B 49 0.50 -3.14 -20.09
CA GLU B 49 0.49 -2.57 -21.45
C GLU B 49 1.84 -2.08 -21.96
N ALA B 50 2.69 -1.57 -21.08
CA ALA B 50 4.02 -1.02 -21.47
C ALA B 50 5.13 -2.06 -21.69
N LYS B 51 4.87 -3.33 -21.41
CA LYS B 51 5.89 -4.36 -21.66
C LYS B 51 6.20 -4.45 -23.18
N SER C 1 10.70 17.45 0.41
CA SER C 1 11.52 18.10 1.46
C SER C 1 12.98 17.80 1.07
N MET C 2 13.76 18.82 0.73
CA MET C 2 15.23 18.67 0.64
C MET C 2 15.82 18.65 2.03
N ASP C 3 17.10 18.33 2.15
CA ASP C 3 17.73 18.17 3.44
C ASP C 3 18.15 19.54 3.95
N TYR C 4 17.69 19.88 5.15
CA TYR C 4 18.02 21.15 5.81
C TYR C 4 19.55 21.32 5.97
N GLU C 5 20.23 20.21 6.24
CA GLU C 5 21.67 20.26 6.40
C GLU C 5 22.38 20.66 5.11
N PHE C 6 21.81 20.29 3.96
CA PHE C 6 22.33 20.75 2.67
C PHE C 6 21.96 22.22 2.40
N LEU C 7 20.71 22.58 2.68
CA LEU C 7 20.21 23.91 2.30
C LEU C 7 20.85 24.99 3.13
N LYS C 8 21.27 24.61 4.33
CA LYS C 8 21.77 25.55 5.33
C LYS C 8 23.03 26.28 4.85
N SER C 9 23.78 25.65 3.95
CA SER C 9 24.99 26.24 3.38
C SER C 9 24.75 27.09 2.12
N TRP C 10 23.52 27.13 1.60
CA TRP C 10 23.23 27.95 0.44
C TRP C 10 23.12 29.43 0.81
N THR C 11 23.35 30.31 -0.14
CA THR C 11 23.08 31.73 0.06
C THR C 11 21.57 32.00 0.11
N VAL C 12 21.19 33.11 0.73
CA VAL C 12 19.83 33.55 0.73
C VAL C 12 19.32 33.73 -0.70
N GLU C 13 20.14 34.29 -1.56
CA GLU C 13 19.74 34.47 -2.95
C GLU C 13 19.38 33.13 -3.62
N ASP C 14 20.19 32.10 -3.41
CA ASP C 14 19.93 30.80 -4.00
C ASP C 14 18.70 30.14 -3.39
N LEU C 15 18.52 30.28 -2.09
CA LEU C 15 17.34 29.74 -1.44
C LEU C 15 16.05 30.41 -1.98
N GLN C 16 16.08 31.74 -2.14
CA GLN C 16 14.94 32.48 -2.64
C GLN C 16 14.65 32.11 -4.09
N LYS C 17 15.73 31.91 -4.85
CA LYS C 17 15.58 31.50 -6.23
C LYS C 17 14.86 30.16 -6.31
N ARG C 18 15.19 29.25 -5.43
CA ARG C 18 14.53 27.92 -5.45
C ARG C 18 13.05 28.07 -5.13
N LEU C 19 12.73 28.88 -4.12
CA LEU C 19 11.35 29.12 -3.78
C LEU C 19 10.61 29.68 -4.97
N LEU C 20 11.23 30.64 -5.64
CA LEU C 20 10.57 31.29 -6.76
C LEU C 20 10.36 30.33 -7.91
N ALA C 21 11.29 29.39 -8.09
CA ALA C 21 11.14 28.39 -9.13
C ALA C 21 9.97 27.41 -8.87
N LEU C 22 9.64 27.19 -7.63
CA LEU C 22 8.52 26.32 -7.28
C LEU C 22 7.18 26.91 -7.62
N ASP C 23 7.06 28.25 -7.60
CA ASP C 23 5.78 28.88 -7.89
C ASP C 23 5.17 28.45 -9.25
N PRO C 24 5.89 28.65 -10.37
CA PRO C 24 5.24 28.24 -11.65
C PRO C 24 4.99 26.74 -11.74
N MET C 25 5.79 25.95 -11.02
CA MET C 25 5.61 24.47 -11.02
C MET C 25 4.30 24.10 -10.37
N MET C 26 4.01 24.70 -9.24
CA MET C 26 2.75 24.45 -8.60
C MET C 26 1.56 24.92 -9.45
N GLU C 27 1.65 26.12 -10.01
CA GLU C 27 0.61 26.64 -10.87
C GLU C 27 0.33 25.72 -12.08
N GLN C 28 1.38 25.19 -12.68
CA GLN C 28 1.24 24.28 -13.81
C GLN C 28 0.48 23.02 -13.40
N GLU C 29 0.79 22.47 -12.23
CA GLU C 29 0.10 21.25 -11.79
C GLU C 29 -1.41 21.54 -11.55
N ILE C 30 -1.71 22.66 -10.92
CA ILE C 30 -3.10 23.08 -10.67
C ILE C 30 -3.87 23.28 -11.99
N GLU C 31 -3.21 23.91 -12.97
CA GLU C 31 -3.79 24.03 -14.30
C GLU C 31 -4.03 22.71 -14.96
N GLU C 32 -3.13 21.76 -14.77
CA GLU C 32 -3.36 20.40 -15.33
C GLU C 32 -4.48 19.68 -14.66
N ILE C 33 -4.66 19.92 -13.36
CA ILE C 33 -5.83 19.38 -12.68
C ILE C 33 -7.11 19.97 -13.28
N ARG C 34 -7.13 21.28 -13.49
CA ARG C 34 -8.33 21.91 -14.05
C ARG C 34 -8.65 21.28 -15.45
N GLN C 35 -7.62 21.02 -16.26
CA GLN C 35 -7.79 20.42 -17.57
C GLN C 35 -8.28 18.96 -17.49
N LYS C 36 -7.80 18.23 -16.51
CA LYS C 36 -8.26 16.86 -16.28
C LYS C 36 -9.78 16.87 -15.99
N TYR C 37 -10.23 17.78 -15.16
CA TYR C 37 -11.64 17.84 -14.80
C TYR C 37 -12.51 18.37 -15.93
N GLN C 38 -11.95 19.27 -16.75
CA GLN C 38 -12.64 19.67 -17.94
C GLN C 38 -12.90 18.49 -18.86
N SER C 39 -11.91 17.62 -19.03
CA SER C 39 -12.16 16.38 -19.80
C SER C 39 -13.18 15.45 -19.19
N LYS C 40 -13.18 15.29 -17.88
CA LYS C 40 -14.17 14.45 -17.25
C LYS C 40 -15.60 15.01 -17.39
N ARG C 41 -15.73 16.34 -17.34
CA ARG C 41 -17.04 16.96 -17.45
C ARG C 41 -17.63 16.75 -18.82
N GLN C 42 -16.77 16.71 -19.82
CA GLN C 42 -17.24 16.86 -21.22
C GLN C 42 -18.28 15.85 -21.68
N PRO C 43 -18.04 14.54 -21.48
CA PRO C 43 -19.05 13.59 -21.89
C PRO C 43 -20.36 13.70 -21.11
N ILE C 44 -20.29 14.15 -19.85
CA ILE C 44 -21.48 14.35 -19.08
C ILE C 44 -22.27 15.55 -19.63
N LEU C 45 -21.59 16.66 -19.92
CA LEU C 45 -22.24 17.83 -20.55
C LEU C 45 -22.81 17.49 -21.93
N ASP C 46 -22.07 16.70 -22.72
CA ASP C 46 -22.57 16.26 -24.00
C ASP C 46 -23.86 15.43 -23.86
N ALA C 47 -23.91 14.56 -22.84
CA ALA C 47 -25.08 13.73 -22.62
C ALA C 47 -26.28 14.57 -22.23
N ILE C 48 -26.06 15.61 -21.42
CA ILE C 48 -27.15 16.52 -21.03
C ILE C 48 -27.65 17.27 -22.25
N GLU C 49 -26.72 17.88 -22.98
CA GLU C 49 -27.00 18.59 -24.23
C GLU C 49 -27.73 17.75 -25.33
N ALA C 50 -27.51 16.43 -25.36
CA ALA C 50 -28.16 15.53 -26.33
C ALA C 50 -29.60 15.09 -25.95
N LYS C 51 -30.16 15.62 -24.87
CA LYS C 51 -31.58 15.33 -24.59
C LYS C 51 -32.48 16.03 -25.60
N ASP D 3 -18.75 5.08 -20.05
CA ASP D 3 -19.17 5.11 -21.48
C ASP D 3 -20.31 6.11 -21.74
N TYR D 4 -20.16 6.90 -22.80
CA TYR D 4 -21.20 7.84 -23.24
C TYR D 4 -22.52 7.09 -23.52
N GLU D 5 -22.39 5.87 -24.02
CA GLU D 5 -23.55 5.07 -24.35
C GLU D 5 -24.34 4.69 -23.10
N PHE D 6 -23.66 4.53 -21.97
CA PHE D 6 -24.30 4.31 -20.69
C PHE D 6 -24.94 5.60 -20.15
N LEU D 7 -24.20 6.72 -20.23
CA LEU D 7 -24.65 8.00 -19.61
C LEU D 7 -25.83 8.58 -20.34
N LYS D 8 -25.91 8.30 -21.63
CA LYS D 8 -26.93 8.85 -22.51
C LYS D 8 -28.35 8.51 -22.05
N SER D 9 -28.51 7.39 -21.33
CA SER D 9 -29.83 6.97 -20.82
C SER D 9 -30.17 7.51 -19.43
N TRP D 10 -29.24 8.22 -18.78
CA TRP D 10 -29.46 8.74 -17.43
C TRP D 10 -30.36 9.96 -17.45
N THR D 11 -31.04 10.23 -16.35
CA THR D 11 -31.82 11.46 -16.23
C THR D 11 -30.88 12.66 -16.12
N VAL D 12 -31.37 13.83 -16.50
CA VAL D 12 -30.66 15.06 -16.33
C VAL D 12 -30.27 15.25 -14.86
N GLU D 13 -31.17 14.92 -13.95
CA GLU D 13 -30.89 15.02 -12.51
C GLU D 13 -29.66 14.18 -12.13
N ASP D 14 -29.61 12.95 -12.60
CA ASP D 14 -28.49 12.06 -12.30
C ASP D 14 -27.19 12.49 -12.96
N LEU D 15 -27.27 13.02 -14.18
CA LEU D 15 -26.10 13.56 -14.87
C LEU D 15 -25.53 14.80 -14.18
N GLN D 16 -26.43 15.68 -13.74
CA GLN D 16 -26.02 16.85 -12.97
C GLN D 16 -25.38 16.48 -11.66
N LYS D 17 -25.95 15.48 -11.02
CA LYS D 17 -25.40 15.00 -9.77
C LYS D 17 -23.96 14.48 -9.93
N ARG D 18 -23.71 13.80 -11.03
CA ARG D 18 -22.33 13.29 -11.34
C ARG D 18 -21.36 14.45 -11.61
N LEU D 19 -21.82 15.48 -12.33
CA LEU D 19 -20.97 16.70 -12.52
C LEU D 19 -20.67 17.31 -11.18
N LEU D 20 -21.67 17.39 -10.33
CA LEU D 20 -21.49 18.08 -9.03
C LEU D 20 -20.53 17.25 -8.16
N ALA D 21 -20.56 15.94 -8.30
CA ALA D 21 -19.68 15.11 -7.50
C ALA D 21 -18.20 15.33 -7.88
N LEU D 22 -17.94 15.77 -9.10
CA LEU D 22 -16.57 16.12 -9.51
C LEU D 22 -15.97 17.32 -8.77
N ASP D 23 -16.81 18.26 -8.34
CA ASP D 23 -16.32 19.48 -7.71
C ASP D 23 -15.47 19.25 -6.46
N PRO D 24 -15.99 18.50 -5.46
CA PRO D 24 -15.13 18.25 -4.30
C PRO D 24 -13.92 17.37 -4.59
N MET D 25 -14.01 16.53 -5.60
CA MET D 25 -12.84 15.72 -6.00
C MET D 25 -11.72 16.60 -6.53
N MET D 26 -12.05 17.55 -7.40
CA MET D 26 -11.05 18.44 -7.94
C MET D 26 -10.44 19.27 -6.81
N GLU D 27 -11.28 19.80 -5.92
CA GLU D 27 -10.79 20.56 -4.77
C GLU D 27 -9.80 19.77 -3.93
N GLN D 28 -10.13 18.52 -3.66
CA GLN D 28 -9.24 17.67 -2.87
C GLN D 28 -7.86 17.51 -3.55
N GLU D 29 -7.84 17.29 -4.86
CA GLU D 29 -6.56 17.16 -5.59
C GLU D 29 -5.73 18.44 -5.55
N ILE D 30 -6.39 19.59 -5.68
CA ILE D 30 -5.72 20.86 -5.58
C ILE D 30 -5.12 21.04 -4.20
N GLU D 31 -5.89 20.70 -3.18
CA GLU D 31 -5.39 20.78 -1.81
C GLU D 31 -4.18 19.86 -1.59
N GLU D 32 -4.16 18.68 -2.20
CA GLU D 32 -3.00 17.82 -2.09
C GLU D 32 -1.76 18.41 -2.75
N ILE D 33 -1.94 19.08 -3.88
CA ILE D 33 -0.84 19.80 -4.47
C ILE D 33 -0.34 20.92 -3.59
N ARG D 34 -1.24 21.67 -2.97
CA ARG D 34 -0.81 22.74 -2.06
CA ARG D 34 -0.81 22.75 -2.06
C ARG D 34 0.01 22.21 -0.90
N GLN D 35 -0.41 21.06 -0.35
CA GLN D 35 0.31 20.43 0.75
C GLN D 35 1.67 19.95 0.34
N LYS D 36 1.78 19.40 -0.87
CA LYS D 36 3.05 18.95 -1.35
C LYS D 36 4.02 20.13 -1.40
N TYR D 37 3.58 21.25 -1.95
CA TYR D 37 4.46 22.39 -2.12
C TYR D 37 4.75 23.08 -0.78
N GLN D 38 3.83 22.99 0.13
CA GLN D 38 4.12 23.48 1.49
C GLN D 38 5.27 22.70 2.13
N SER D 39 5.27 21.38 1.99
CA SER D 39 6.39 20.59 2.48
C SER D 39 7.69 20.88 1.83
N LYS D 40 7.68 21.12 0.52
CA LYS D 40 8.88 21.50 -0.18
C LYS D 40 9.42 22.84 0.28
N ARG D 41 8.53 23.81 0.50
CA ARG D 41 8.96 25.15 0.88
C ARG D 41 9.60 25.17 2.27
N GLN D 42 9.11 24.33 3.16
CA GLN D 42 9.44 24.47 4.57
C GLN D 42 10.94 24.48 4.91
N PRO D 43 11.71 23.47 4.47
CA PRO D 43 13.14 23.50 4.80
C PRO D 43 13.87 24.68 4.18
N ILE D 44 13.40 25.16 3.04
CA ILE D 44 14.00 26.31 2.40
C ILE D 44 13.74 27.55 3.24
N LEU D 45 12.50 27.70 3.72
CA LEU D 45 12.15 28.86 4.59
C LEU D 45 12.91 28.78 5.88
N ASP D 46 13.03 27.57 6.44
CA ASP D 46 13.79 27.40 7.67
C ASP D 46 15.26 27.82 7.47
N ALA D 47 15.83 27.47 6.31
CA ALA D 47 17.22 27.81 6.02
C ALA D 47 17.41 29.31 5.89
N ILE D 48 16.45 30.00 5.27
CA ILE D 48 16.50 31.46 5.17
C ILE D 48 16.40 32.09 6.56
N GLU D 49 15.41 31.67 7.32
CA GLU D 49 15.20 32.11 8.72
C GLU D 49 16.42 31.94 9.62
N ALA D 50 17.18 30.87 9.42
CA ALA D 50 18.30 30.54 10.29
C ALA D 50 19.56 31.35 10.00
N LYS D 51 19.50 32.26 9.05
CA LYS D 51 20.72 32.89 8.58
C LYS D 51 21.24 33.84 9.64
N SER E 1 -5.79 3.59 4.29
CA SER E 1 -6.59 2.60 5.06
C SER E 1 -8.08 2.93 4.99
N MET E 2 -8.89 1.94 5.33
CA MET E 2 -10.34 2.04 5.22
C MET E 2 -11.00 2.71 6.43
N ASP E 3 -12.27 3.05 6.29
CA ASP E 3 -12.99 3.77 7.31
C ASP E 3 -13.43 2.78 8.37
N TYR E 4 -13.00 3.04 9.59
CA TYR E 4 -13.37 2.21 10.75
C TYR E 4 -14.92 2.11 10.89
N GLU E 5 -15.60 3.22 10.61
CA GLU E 5 -17.04 3.24 10.74
C GLU E 5 -17.71 2.28 9.75
N PHE E 6 -17.08 2.08 8.58
CA PHE E 6 -17.55 1.10 7.59
C PHE E 6 -17.19 -0.33 8.04
N LEU E 7 -15.96 -0.53 8.50
CA LEU E 7 -15.46 -1.87 8.83
C LEU E 7 -16.16 -2.45 10.05
N LYS E 8 -16.60 -1.55 10.92
CA LYS E 8 -17.20 -1.94 12.20
C LYS E 8 -18.46 -2.79 12.05
N SER E 9 -19.16 -2.61 10.93
CA SER E 9 -20.40 -3.36 10.64
C SER E 9 -20.16 -4.69 9.90
N TRP E 10 -18.91 -4.96 9.50
CA TRP E 10 -18.61 -6.20 8.78
C TRP E 10 -18.65 -7.36 9.72
N THR E 11 -18.92 -8.54 9.17
CA THR E 11 -18.77 -9.76 9.96
C THR E 11 -17.27 -10.04 10.28
N VAL E 12 -17.04 -10.79 11.34
CA VAL E 12 -15.69 -11.21 11.70
C VAL E 12 -15.09 -12.00 10.55
N GLU E 13 -15.88 -12.84 9.91
CA GLU E 13 -15.38 -13.63 8.80
C GLU E 13 -14.86 -12.74 7.68
N ASP E 14 -15.59 -11.68 7.35
CA ASP E 14 -15.19 -10.76 6.31
C ASP E 14 -13.94 -9.95 6.69
N LEU E 15 -13.87 -9.50 7.94
CA LEU E 15 -12.70 -8.79 8.40
C LEU E 15 -11.44 -9.68 8.36
N GLN E 16 -11.57 -10.94 8.76
CA GLN E 16 -10.45 -11.85 8.75
C GLN E 16 -10.02 -12.14 7.35
N LYS E 17 -10.99 -12.22 6.46
CA LYS E 17 -10.69 -12.47 5.06
C LYS E 17 -9.89 -11.35 4.44
N ARG E 18 -10.25 -10.12 4.77
CA ARG E 18 -9.51 -8.98 4.29
C ARG E 18 -8.06 -8.99 4.83
N LEU E 19 -7.89 -9.26 6.12
CA LEU E 19 -6.54 -9.36 6.70
C LEU E 19 -5.73 -10.40 5.96
N LEU E 20 -6.36 -11.54 5.68
CA LEU E 20 -5.66 -12.60 5.03
C LEU E 20 -5.28 -12.23 3.60
N ALA E 21 -6.11 -11.48 2.93
CA ALA E 21 -5.83 -11.07 1.56
C ALA E 21 -4.65 -10.06 1.47
N LEU E 22 -4.46 -9.27 2.50
CA LEU E 22 -3.31 -8.36 2.59
C LEU E 22 -1.94 -9.06 2.74
N ASP E 23 -1.90 -10.24 3.38
CA ASP E 23 -0.63 -10.96 3.57
C ASP E 23 0.14 -11.20 2.26
N PRO E 24 -0.48 -11.85 1.25
CA PRO E 24 0.36 -12.11 0.05
C PRO E 24 0.68 -10.83 -0.73
N MET E 25 -0.16 -9.80 -0.56
CA MET E 25 0.13 -8.51 -1.21
C MET E 25 1.38 -7.84 -0.65
N MET E 26 1.50 -7.82 0.68
CA MET E 26 2.70 -7.29 1.31
C MET E 26 3.95 -8.11 0.93
N GLU E 27 3.85 -9.45 1.00
CA GLU E 27 4.98 -10.32 0.62
C GLU E 27 5.46 -10.05 -0.80
N GLN E 28 4.53 -9.90 -1.73
CA GLN E 28 4.89 -9.62 -3.12
CA GLN E 28 4.90 -9.62 -3.11
C GLN E 28 5.70 -8.31 -3.24
N GLU E 29 5.25 -7.26 -2.58
CA GLU E 29 5.94 -5.96 -2.64
C GLU E 29 7.36 -6.05 -2.05
N ILE E 30 7.51 -6.78 -0.94
CA ILE E 30 8.82 -7.00 -0.36
C ILE E 30 9.72 -7.74 -1.33
N GLU E 31 9.19 -8.79 -1.97
CA GLU E 31 9.98 -9.55 -2.95
C GLU E 31 10.40 -8.69 -4.13
N GLU E 32 9.55 -7.79 -4.55
CA GLU E 32 9.94 -6.87 -5.67
C GLU E 32 11.02 -5.91 -5.23
N ILE E 33 11.01 -5.47 -3.96
CA ILE E 33 12.10 -4.64 -3.44
C ILE E 33 13.42 -5.42 -3.43
N ARG E 34 13.38 -6.67 -2.99
CA ARG E 34 14.56 -7.52 -3.02
C ARG E 34 15.13 -7.65 -4.44
N GLN E 35 14.27 -7.80 -5.43
CA GLN E 35 14.72 -7.88 -6.85
C GLN E 35 15.30 -6.57 -7.37
N LYS E 36 14.71 -5.47 -6.94
CA LYS E 36 15.25 -4.15 -7.29
C LYS E 36 16.68 -3.99 -6.77
N TYR E 37 16.94 -4.40 -5.52
CA TYR E 37 18.26 -4.23 -4.96
C TYR E 37 19.28 -5.21 -5.56
N GLN E 38 18.82 -6.38 -5.96
CA GLN E 38 19.70 -7.29 -6.66
C GLN E 38 20.20 -6.67 -7.95
N SER E 39 19.34 -5.96 -8.66
CA SER E 39 19.80 -5.26 -9.87
C SER E 39 20.76 -4.13 -9.58
N LYS E 40 20.52 -3.40 -8.50
CA LYS E 40 21.45 -2.32 -8.11
C LYS E 40 22.85 -2.84 -7.67
N ARG E 41 22.88 -3.98 -6.98
CA ARG E 41 24.15 -4.56 -6.56
C ARG E 41 25.01 -5.03 -7.73
N GLN E 42 24.38 -5.52 -8.79
CA GLN E 42 25.10 -6.26 -9.81
C GLN E 42 26.28 -5.54 -10.46
N PRO E 43 26.08 -4.29 -10.91
CA PRO E 43 27.22 -3.61 -11.52
C PRO E 43 28.35 -3.31 -10.55
N ILE E 44 28.01 -3.13 -9.27
CA ILE E 44 29.00 -2.87 -8.27
C ILE E 44 29.82 -4.14 -8.06
N LEU E 45 29.14 -5.28 -7.97
CA LEU E 45 29.81 -6.56 -7.81
C LEU E 45 30.67 -6.87 -9.03
N ASP E 46 30.14 -6.57 -10.21
CA ASP E 46 30.91 -6.79 -11.44
C ASP E 46 32.19 -5.94 -11.43
N ALA E 47 32.10 -4.70 -10.97
CA ALA E 47 33.26 -3.81 -10.92
C ALA E 47 34.30 -4.34 -9.95
N ILE E 48 33.88 -4.87 -8.81
CA ILE E 48 34.79 -5.46 -7.82
C ILE E 48 35.47 -6.67 -8.43
N GLU E 49 34.66 -7.57 -8.96
CA GLU E 49 35.13 -8.77 -9.66
C GLU E 49 36.12 -8.53 -10.81
N ALA E 50 35.97 -7.42 -11.53
CA ALA E 50 36.82 -7.12 -12.69
C ALA E 50 38.21 -6.60 -12.31
N LYS E 51 38.55 -6.70 -11.02
CA LYS E 51 39.96 -6.79 -10.61
C LYS E 51 40.15 -8.00 -9.71
N GLU F 5 31.11 3.14 -15.21
CA GLU F 5 32.42 3.59 -15.79
C GLU F 5 33.21 4.31 -14.72
N PHE F 6 32.54 5.16 -13.95
CA PHE F 6 33.22 5.89 -12.93
C PHE F 6 33.68 4.95 -11.85
N LEU F 7 33.14 3.72 -11.80
CA LEU F 7 33.41 2.77 -10.69
C LEU F 7 34.71 1.99 -10.83
N LYS F 8 35.11 1.77 -12.07
CA LYS F 8 36.26 0.91 -12.36
C LYS F 8 37.57 1.44 -11.74
N SER F 9 37.64 2.74 -11.51
CA SER F 9 38.83 3.38 -10.93
C SER F 9 38.80 3.42 -9.39
N TRP F 10 37.68 3.03 -8.77
CA TRP F 10 37.59 3.02 -7.31
C TRP F 10 38.35 1.85 -6.69
N THR F 11 38.80 2.02 -5.45
CA THR F 11 39.40 0.94 -4.69
C THR F 11 38.33 -0.10 -4.31
N VAL F 12 38.77 -1.33 -4.08
CA VAL F 12 37.90 -2.41 -3.61
C VAL F 12 37.22 -1.98 -2.32
N GLU F 13 37.95 -1.32 -1.44
CA GLU F 13 37.35 -0.82 -0.19
CA GLU F 13 37.37 -0.80 -0.20
C GLU F 13 36.16 0.11 -0.45
N ASP F 14 36.32 1.04 -1.39
CA ASP F 14 35.29 1.99 -1.69
C ASP F 14 34.10 1.38 -2.43
N LEU F 15 34.37 0.44 -3.34
CA LEU F 15 33.32 -0.33 -3.96
C LEU F 15 32.49 -1.21 -2.94
N GLN F 16 33.18 -1.81 -1.99
CA GLN F 16 32.49 -2.61 -0.94
C GLN F 16 31.66 -1.71 -0.08
N LYS F 17 32.17 -0.52 0.18
CA LYS F 17 31.45 0.42 1.01
C LYS F 17 30.14 0.86 0.35
N ARG F 18 30.18 1.04 -0.96
CA ARG F 18 28.97 1.36 -1.72
C ARG F 18 27.92 0.24 -1.74
N LEU F 19 28.38 -1.02 -1.91
CA LEU F 19 27.49 -2.17 -1.71
C LEU F 19 26.87 -2.18 -0.33
N LEU F 20 27.70 -1.96 0.68
CA LEU F 20 27.18 -2.02 2.06
C LEU F 20 26.18 -0.92 2.28
N ALA F 21 26.36 0.23 1.65
CA ALA F 21 25.43 1.34 1.85
C ALA F 21 24.04 1.01 1.31
N LEU F 22 23.97 0.09 0.34
CA LEU F 22 22.66 -0.39 -0.12
C LEU F 22 21.87 -1.16 0.91
N ASP F 23 22.53 -1.80 1.87
CA ASP F 23 21.82 -2.65 2.87
C ASP F 23 20.80 -1.89 3.71
N PRO F 24 21.20 -0.78 4.38
CA PRO F 24 20.17 -0.02 5.10
C PRO F 24 19.12 0.63 4.25
N MET F 25 19.45 0.96 3.00
CA MET F 25 18.45 1.52 2.09
C MET F 25 17.36 0.50 1.78
N MET F 26 17.76 -0.72 1.42
CA MET F 26 16.79 -1.79 1.19
C MET F 26 15.94 -2.04 2.43
N GLU F 27 16.58 -2.11 3.59
CA GLU F 27 15.85 -2.32 4.86
C GLU F 27 14.81 -1.23 5.13
N GLN F 28 15.19 0.01 4.87
CA GLN F 28 14.28 1.12 5.02
C GLN F 28 13.04 0.98 4.10
N GLU F 29 13.25 0.61 2.84
CA GLU F 29 12.12 0.43 1.92
C GLU F 29 11.18 -0.73 2.35
N ILE F 30 11.76 -1.81 2.84
CA ILE F 30 10.98 -2.92 3.35
C ILE F 30 10.19 -2.48 4.59
N GLU F 31 10.83 -1.70 5.45
CA GLU F 31 10.15 -1.17 6.63
C GLU F 31 8.98 -0.28 6.25
N GLU F 32 9.12 0.54 5.22
CA GLU F 32 8.04 1.39 4.77
C GLU F 32 6.86 0.58 4.22
N ILE F 33 7.15 -0.53 3.54
CA ILE F 33 6.08 -1.42 3.15
C ILE F 33 5.40 -2.06 4.35
N ARG F 34 6.17 -2.46 5.34
CA ARG F 34 5.57 -3.00 6.59
C ARG F 34 4.70 -2.00 7.32
N GLN F 35 5.12 -0.73 7.34
CA GLN F 35 4.36 0.32 7.93
C GLN F 35 3.07 0.58 7.16
N LYS F 36 3.12 0.55 5.84
CA LYS F 36 1.91 0.75 5.03
C LYS F 36 0.87 -0.32 5.38
N TYR F 37 1.31 -1.59 5.46
CA TYR F 37 0.40 -2.65 5.73
C TYR F 37 -0.05 -2.66 7.19
N GLN F 38 0.80 -2.19 8.08
CA GLN F 38 0.39 -2.08 9.49
C GLN F 38 -0.75 -1.11 9.57
N SER F 39 -0.68 -0.01 8.85
CA SER F 39 -1.76 0.99 8.89
C SER F 39 -3.00 0.45 8.31
N LYS F 40 -2.91 -0.33 7.22
CA LYS F 40 -4.10 -0.97 6.67
C LYS F 40 -4.73 -1.98 7.64
N ARG F 41 -3.91 -2.77 8.35
CA ARG F 41 -4.41 -3.79 9.28
CA ARG F 41 -4.41 -3.80 9.28
C ARG F 41 -5.13 -3.19 10.49
N GLN F 42 -4.63 -2.06 10.96
CA GLN F 42 -5.06 -1.52 12.23
C GLN F 42 -6.60 -1.32 12.40
N PRO F 43 -7.26 -0.60 11.48
CA PRO F 43 -8.72 -0.50 11.65
C PRO F 43 -9.47 -1.82 11.58
N ILE F 44 -8.93 -2.79 10.84
CA ILE F 44 -9.56 -4.08 10.73
C ILE F 44 -9.43 -4.81 12.06
N LEU F 45 -8.24 -4.76 12.66
CA LEU F 45 -8.04 -5.37 13.99
C LEU F 45 -8.90 -4.67 15.04
N ASP F 46 -9.00 -3.34 14.96
CA ASP F 46 -9.83 -2.61 15.92
C ASP F 46 -11.31 -3.05 15.79
N ALA F 47 -11.76 -3.27 14.56
CA ALA F 47 -13.12 -3.68 14.31
C ALA F 47 -13.38 -5.05 14.86
N ILE F 48 -12.43 -5.97 14.70
CA ILE F 48 -12.56 -7.32 15.27
C ILE F 48 -12.64 -7.22 16.80
N GLU F 49 -11.68 -6.51 17.38
CA GLU F 49 -11.61 -6.28 18.82
C GLU F 49 -12.89 -5.69 19.44
N ALA F 50 -13.57 -4.82 18.71
CA ALA F 50 -14.77 -4.11 19.21
C ALA F 50 -16.06 -4.92 19.17
N LYS F 51 -16.04 -6.13 18.62
CA LYS F 51 -17.27 -6.96 18.57
C LYS F 51 -17.66 -7.45 19.98
N SER G 1 2.31 -40.56 3.08
CA SER G 1 2.19 -39.14 2.68
C SER G 1 1.24 -38.37 3.61
N MET G 2 1.33 -37.06 3.56
CA MET G 2 0.60 -36.22 4.46
C MET G 2 -0.89 -36.13 4.01
N ASP G 3 -1.85 -36.31 4.93
CA ASP G 3 -3.29 -36.10 4.69
C ASP G 3 -3.94 -34.89 5.43
N TYR G 4 -4.56 -34.02 4.66
CA TYR G 4 -5.28 -32.82 5.17
C TYR G 4 -6.77 -32.89 4.98
N GLU G 5 -7.34 -34.07 4.91
CA GLU G 5 -8.79 -34.17 4.73
C GLU G 5 -9.61 -33.75 5.97
N PHE G 6 -9.07 -33.93 7.17
CA PHE G 6 -9.78 -33.39 8.37
C PHE G 6 -10.12 -31.87 8.42
N LEU G 7 -9.37 -31.02 7.74
CA LEU G 7 -9.56 -29.54 7.81
C LEU G 7 -10.84 -29.21 7.15
N LYS G 8 -11.24 -30.08 6.23
CA LYS G 8 -12.38 -29.89 5.38
C LYS G 8 -13.69 -29.78 6.18
N SER G 9 -13.73 -30.35 7.37
CA SER G 9 -14.87 -30.24 8.25
C SER G 9 -14.86 -28.99 9.18
N TRP G 10 -13.78 -28.21 9.21
CA TRP G 10 -13.72 -27.01 10.05
C TRP G 10 -14.54 -25.88 9.44
N THR G 11 -14.98 -24.94 10.27
CA THR G 11 -15.64 -23.74 9.77
C THR G 11 -14.61 -22.81 9.10
N VAL G 12 -15.09 -21.96 8.21
CA VAL G 12 -14.25 -20.97 7.55
C VAL G 12 -13.62 -20.08 8.59
N GLU G 13 -14.39 -19.71 9.60
CA GLU G 13 -13.84 -18.90 10.67
C GLU G 13 -12.63 -19.56 11.36
N ASP G 14 -12.74 -20.85 11.67
CA ASP G 14 -11.65 -21.58 12.33
C ASP G 14 -10.44 -21.78 11.42
N LEU G 15 -10.67 -22.07 10.16
CA LEU G 15 -9.58 -22.14 9.18
C LEU G 15 -8.83 -20.79 9.06
N GLN G 16 -9.57 -19.69 9.01
CA GLN G 16 -8.96 -18.37 8.88
C GLN G 16 -8.19 -18.02 10.13
N LYS G 17 -8.74 -18.42 11.26
CA LYS G 17 -8.11 -18.18 12.56
C LYS G 17 -6.74 -18.85 12.61
N ARG G 18 -6.66 -20.07 12.07
CA ARG G 18 -5.38 -20.80 12.05
C ARG G 18 -4.37 -20.09 11.12
N LEU G 19 -4.82 -19.62 9.94
CA LEU G 19 -3.97 -18.85 9.06
C LEU G 19 -3.45 -17.60 9.73
N LEU G 20 -4.33 -16.92 10.44
CA LEU G 20 -3.95 -15.69 11.09
C LEU G 20 -2.95 -15.93 12.19
N ALA G 21 -3.07 -17.05 12.88
CA ALA G 21 -2.11 -17.38 13.95
C ALA G 21 -0.68 -17.60 13.40
N LEU G 22 -0.57 -18.04 12.14
CA LEU G 22 0.74 -18.21 11.50
C LEU G 22 1.50 -16.90 11.24
N ASP G 23 0.79 -15.81 11.03
CA ASP G 23 1.43 -14.53 10.72
C ASP G 23 2.42 -14.06 11.80
N PRO G 24 2.00 -13.95 13.08
CA PRO G 24 2.99 -13.51 14.07
C PRO G 24 4.09 -14.52 14.36
N MET G 25 3.83 -15.80 14.13
CA MET G 25 4.86 -16.82 14.23
C MET G 25 5.98 -16.63 13.19
N MET G 26 5.59 -16.44 11.94
CA MET G 26 6.57 -16.20 10.88
C MET G 26 7.36 -14.90 11.14
N GLU G 27 6.67 -13.84 11.53
CA GLU G 27 7.29 -12.54 11.87
CA GLU G 27 7.33 -12.57 11.82
C GLU G 27 8.35 -12.72 12.97
N GLN G 28 8.02 -13.48 14.01
CA GLN G 28 8.91 -13.71 15.10
C GLN G 28 10.21 -14.44 14.63
N GLU G 29 10.07 -15.47 13.80
CA GLU G 29 11.21 -16.18 13.30
C GLU G 29 12.11 -15.31 12.43
N ILE G 30 11.51 -14.46 11.61
CA ILE G 30 12.27 -13.54 10.81
C ILE G 30 13.02 -12.52 11.67
N GLU G 31 12.34 -12.01 12.67
CA GLU G 31 12.98 -11.15 13.61
C GLU G 31 14.11 -11.80 14.37
N GLU G 32 13.98 -13.05 14.77
CA GLU G 32 15.08 -13.75 15.39
C GLU G 32 16.29 -13.87 14.44
N ILE G 33 16.05 -14.10 13.16
CA ILE G 33 17.15 -14.13 12.20
CA ILE G 33 17.15 -14.13 12.20
C ILE G 33 17.80 -12.75 12.10
N ARG G 34 17.02 -11.70 12.08
CA ARG G 34 17.58 -10.34 12.00
C ARG G 34 18.42 -10.04 13.19
N GLN G 35 17.97 -10.47 14.37
CA GLN G 35 18.72 -10.26 15.58
C GLN G 35 20.03 -11.02 15.55
N LYS G 36 20.00 -12.25 15.07
CA LYS G 36 21.17 -13.06 15.03
C LYS G 36 22.25 -12.36 14.18
N TYR G 37 21.85 -11.85 13.02
CA TYR G 37 22.77 -11.22 12.13
C TYR G 37 23.22 -9.88 12.65
N GLN G 38 22.39 -9.22 13.41
CA GLN G 38 22.79 -7.97 14.04
C GLN G 38 23.91 -8.22 15.03
N SER G 39 23.81 -9.31 15.77
CA SER G 39 24.85 -9.64 16.72
C SER G 39 26.13 -10.01 16.04
N LYS G 40 26.04 -10.70 14.93
CA LYS G 40 27.22 -11.03 14.17
C LYS G 40 27.91 -9.80 13.58
N ARG G 41 27.12 -8.86 13.10
CA ARG G 41 27.66 -7.65 12.48
C ARG G 41 28.39 -6.74 13.50
N GLN G 42 27.90 -6.71 14.72
CA GLN G 42 28.33 -5.72 15.68
C GLN G 42 29.86 -5.66 15.92
N PRO G 43 30.53 -6.79 16.24
CA PRO G 43 31.98 -6.69 16.45
C PRO G 43 32.74 -6.31 15.19
N ILE G 44 32.20 -6.65 14.03
CA ILE G 44 32.82 -6.31 12.79
C ILE G 44 32.71 -4.79 12.58
N LEU G 45 31.51 -4.25 12.81
CA LEU G 45 31.33 -2.79 12.70
C LEU G 45 32.19 -2.06 13.73
N ASP G 46 32.27 -2.58 14.96
CA ASP G 46 33.08 -1.96 16.01
C ASP G 46 34.54 -1.93 15.58
N ALA G 47 34.99 -3.00 14.96
CA ALA G 47 36.35 -3.07 14.52
C ALA G 47 36.63 -2.00 13.42
N ILE G 48 35.70 -1.85 12.49
CA ILE G 48 35.85 -0.86 11.38
C ILE G 48 35.92 0.53 12.00
N GLU G 49 34.97 0.82 12.88
CA GLU G 49 34.95 2.09 13.62
C GLU G 49 36.23 2.46 14.34
N ALA G 50 36.86 1.47 14.94
CA ALA G 50 37.99 1.69 15.81
C ALA G 50 39.27 1.98 15.04
N LYS G 51 39.24 1.94 13.70
CA LYS G 51 40.46 2.20 12.95
C LYS G 51 40.76 3.72 13.00
N SER H 1 28.77 -14.90 17.42
CA SER H 1 29.55 -13.83 16.78
C SER H 1 31.05 -14.00 17.08
N MET H 2 31.86 -13.33 16.28
CA MET H 2 33.30 -13.41 16.40
C MET H 2 33.90 -12.50 17.47
N ASP H 3 35.18 -12.73 17.79
CA ASP H 3 35.83 -11.99 18.84
C ASP H 3 36.31 -10.66 18.27
N TYR H 4 35.85 -9.56 18.88
CA TYR H 4 36.31 -8.23 18.56
C TYR H 4 37.87 -8.14 18.61
N GLU H 5 38.48 -8.81 19.58
CA GLU H 5 39.93 -8.71 19.76
C GLU H 5 40.66 -9.32 18.56
N PHE H 6 40.02 -10.29 17.91
CA PHE H 6 40.56 -10.88 16.66
C PHE H 6 40.31 -9.96 15.47
N LEU H 7 39.08 -9.45 15.36
CA LEU H 7 38.65 -8.70 14.21
C LEU H 7 39.34 -7.36 14.10
N LYS H 8 39.73 -6.85 15.23
CA LYS H 8 40.31 -5.53 15.31
C LYS H 8 41.60 -5.38 14.50
N SER H 9 42.31 -6.47 14.27
CA SER H 9 43.55 -6.47 13.50
C SER H 9 43.35 -6.72 12.00
N TRP H 10 42.12 -7.03 11.58
CA TRP H 10 41.86 -7.30 10.18
C TRP H 10 41.93 -5.97 9.39
N THR H 11 42.20 -6.06 8.11
CA THR H 11 42.07 -4.92 7.24
C THR H 11 40.58 -4.52 7.09
N VAL H 12 40.34 -3.29 6.72
CA VAL H 12 39.00 -2.79 6.42
C VAL H 12 38.40 -3.58 5.29
N GLU H 13 39.22 -3.89 4.30
CA GLU H 13 38.74 -4.68 3.17
C GLU H 13 38.23 -6.04 3.59
N ASP H 14 38.97 -6.73 4.47
CA ASP H 14 38.55 -8.07 4.96
C ASP H 14 37.29 -7.97 5.82
N LEU H 15 37.21 -6.95 6.66
CA LEU H 15 36.03 -6.77 7.52
C LEU H 15 34.77 -6.50 6.68
N GLN H 16 34.90 -5.70 5.63
CA GLN H 16 33.78 -5.40 4.74
C GLN H 16 33.41 -6.61 3.99
N LYS H 17 34.40 -7.40 3.62
CA LYS H 17 34.11 -8.59 2.86
C LYS H 17 33.29 -9.53 3.71
N ARG H 18 33.62 -9.64 4.97
CA ARG H 18 32.85 -10.52 5.87
C ARG H 18 31.41 -10.02 5.98
N LEU H 19 31.21 -8.71 6.13
CA LEU H 19 29.87 -8.16 6.23
C LEU H 19 29.08 -8.47 4.99
N LEU H 20 29.76 -8.36 3.84
CA LEU H 20 29.11 -8.65 2.57
C LEU H 20 28.76 -10.13 2.43
N ALA H 21 29.63 -11.02 2.91
CA ALA H 21 29.31 -12.45 2.89
C ALA H 21 28.11 -12.86 3.77
N LEU H 22 27.86 -12.11 4.86
CA LEU H 22 26.71 -12.37 5.70
C LEU H 22 25.38 -12.01 5.05
N ASP H 23 25.37 -11.04 4.12
CA ASP H 23 24.12 -10.65 3.46
C ASP H 23 23.38 -11.79 2.79
N PRO H 24 24.03 -12.53 1.86
CA PRO H 24 23.24 -13.62 1.23
C PRO H 24 22.90 -14.74 2.19
N MET H 25 23.68 -14.91 3.24
CA MET H 25 23.36 -15.94 4.23
C MET H 25 22.08 -15.63 4.99
N MET H 26 21.97 -14.38 5.46
CA MET H 26 20.74 -13.96 6.12
C MET H 26 19.52 -14.05 5.18
N GLU H 27 19.68 -13.57 3.95
CA GLU H 27 18.59 -13.61 2.98
C GLU H 27 18.14 -15.04 2.73
N GLN H 28 19.09 -15.96 2.64
CA GLN H 28 18.74 -17.40 2.42
C GLN H 28 17.91 -17.96 3.59
N GLU H 29 18.27 -17.63 4.83
CA GLU H 29 17.54 -18.11 6.00
C GLU H 29 16.10 -17.52 6.02
N ILE H 30 15.96 -16.23 5.71
CA ILE H 30 14.64 -15.59 5.65
C ILE H 30 13.77 -16.21 4.56
N GLU H 31 14.36 -16.45 3.39
CA GLU H 31 13.68 -17.16 2.34
C GLU H 31 13.25 -18.56 2.72
N GLU H 32 14.08 -19.28 3.44
CA GLU H 32 13.67 -20.61 3.92
C GLU H 32 12.54 -20.55 4.91
N ILE H 33 12.50 -19.52 5.76
CA ILE H 33 11.34 -19.34 6.62
CA ILE H 33 11.34 -19.35 6.64
C ILE H 33 10.08 -19.06 5.79
N ARG H 34 10.18 -18.18 4.77
CA ARG H 34 9.02 -17.88 3.95
C ARG H 34 8.49 -19.15 3.28
N GLN H 35 9.40 -20.00 2.80
CA GLN H 35 8.99 -21.28 2.19
C GLN H 35 8.30 -22.22 3.17
N LYS H 36 8.82 -22.28 4.38
CA LYS H 36 8.27 -23.14 5.40
C LYS H 36 6.81 -22.73 5.66
N TYR H 37 6.57 -21.44 5.79
CA TYR H 37 5.24 -20.98 6.13
C TYR H 37 4.32 -21.08 4.92
N GLN H 38 4.85 -20.96 3.72
CA GLN H 38 4.04 -21.18 2.55
C GLN H 38 3.52 -22.59 2.53
N SER H 39 4.36 -23.57 2.86
CA SER H 39 3.88 -24.95 2.93
C SER H 39 2.84 -25.18 3.99
N LYS H 40 3.02 -24.56 5.15
CA LYS H 40 2.01 -24.68 6.22
C LYS H 40 0.66 -24.06 5.83
N ARG H 41 0.69 -22.91 5.15
CA ARG H 41 -0.53 -22.20 4.78
CA ARG H 41 -0.52 -22.20 4.81
C ARG H 41 -1.34 -22.98 3.75
N GLN H 42 -0.64 -23.70 2.86
CA GLN H 42 -1.28 -24.21 1.68
C GLN H 42 -2.52 -25.08 1.92
N PRO H 43 -2.42 -26.06 2.79
CA PRO H 43 -3.62 -26.91 2.96
C PRO H 43 -4.78 -26.17 3.59
N ILE H 44 -4.46 -25.14 4.37
CA ILE H 44 -5.49 -24.37 5.03
C ILE H 44 -6.21 -23.53 4.00
N LEU H 45 -5.44 -22.89 3.10
CA LEU H 45 -6.00 -22.12 2.02
C LEU H 45 -6.82 -23.01 1.09
N ASP H 46 -6.31 -24.21 0.80
CA ASP H 46 -7.06 -25.15 -0.04
C ASP H 46 -8.40 -25.50 0.61
N ALA H 47 -8.41 -25.71 1.92
CA ALA H 47 -9.64 -26.06 2.62
C ALA H 47 -10.65 -24.92 2.57
N ILE H 48 -10.18 -23.67 2.69
CA ILE H 48 -11.05 -22.51 2.64
C ILE H 48 -11.63 -22.40 1.24
N GLU H 49 -10.76 -22.47 0.25
CA GLU H 49 -11.14 -22.46 -1.14
C GLU H 49 -12.16 -23.54 -1.58
N ALA H 50 -12.04 -24.75 -1.04
CA ALA H 50 -12.77 -25.92 -1.54
C ALA H 50 -14.24 -25.92 -1.17
N LYS H 51 -14.64 -24.94 -0.38
CA LYS H 51 -16.01 -24.79 -0.02
C LYS H 51 -16.66 -23.80 -1.03
C1 EDO I . -11.24 -4.88 -8.78
O1 EDO I . -10.34 -3.97 -9.39
C2 EDO I . -12.50 -5.05 -9.62
O2 EDO I . -12.23 -5.56 -10.93
C1 EDO J . -21.00 3.98 7.45
O1 EDO J . -20.69 5.28 6.95
C2 EDO J . -20.25 2.92 6.66
O2 EDO J . -20.03 3.29 5.29
C1 EDO K . -31.28 0.64 -0.31
O1 EDO K . -32.08 0.14 0.79
C2 EDO K . -31.17 -0.40 -1.41
O2 EDO K . -32.47 -0.86 -1.85
C1 EDO L . 0.15 -12.34 -4.81
C1 EDO L . -2.01 -11.01 -3.64
O1 EDO L . 1.19 -13.19 -4.24
O1 EDO L . -2.76 -12.23 -3.82
C2 EDO L . -0.35 -11.21 -3.92
C2 EDO L . -0.80 -10.88 -4.55
O2 EDO L . -0.47 -9.99 -4.70
O2 EDO L . -0.77 -9.57 -5.21
C1 EDO M . -9.04 -5.83 -15.29
O1 EDO M . -9.69 -6.37 -16.49
C2 EDO M . -10.02 -5.73 -14.12
O2 EDO M . -9.60 -6.51 -12.94
C1 EDO N . -15.06 19.68 -11.39
O1 EDO N . -15.58 19.52 -12.72
C2 EDO N . -14.77 21.16 -11.18
O2 EDO N . -15.95 21.95 -11.46
C1 EDO O . -7.37 -1.92 4.13
O1 EDO O . -6.90 -1.05 3.11
C2 EDO O . -7.85 -3.14 3.43
O2 EDO O . -7.55 -3.04 2.07
C1 EDO P . 7.17 -1.25 10.65
O1 EDO P . 8.53 -0.94 10.95
C2 EDO P . 6.90 -2.70 10.99
O2 EDO P . 5.49 -2.77 11.17
C1 EDO Q . 30.61 -13.30 12.13
O1 EDO Q . 29.77 -14.29 12.53
C2 EDO Q . 30.83 -13.43 10.71
O2 EDO Q . 30.84 -14.75 10.41
C1 EDO R . 23.66 -9.57 7.10
O1 EDO R . 24.42 -9.05 8.21
C2 EDO R . 22.44 -8.71 6.78
O2 EDO R . 22.78 -7.45 6.19
#